data_7HNJ
#
_entry.id   7HNJ
#
_cell.length_a   95.373
_cell.length_b   95.373
_cell.length_c   45.819
_cell.angle_alpha   90.000
_cell.angle_beta   90.000
_cell.angle_gamma   90.000
#
_symmetry.space_group_name_H-M   'I 4'
#
loop_
_entity.id
_entity.type
_entity.pdbx_description
1 polymer 'E3 ubiquitin-protein ligase TRIM21'
2 non-polymer 1-[(5-ethyl-1,2,4-oxadiazol-3-yl)methyl]pyridin-2(1H)-one
3 non-polymer 1,2-ETHANEDIOL
4 non-polymer 'SULFATE ION'
5 non-polymer '4-(2-HYDROXYETHYL)-1-PIPERAZINE ETHANESULFONIC ACID'
6 water water
#
_entity_poly.entity_id   1
_entity_poly.type   'polypeptide(L)'
_entity_poly.pdbx_seq_one_letter_code
;MHHHHHHMVHITLDRNTANSWLIISKDRRQVRMGDTHQNVSDNKERFSNYPMVLGAQRFSSGKMYWEVDVTQKEAWDLGV
CRDSVQRKGQFSLSPENGFWTIWLWQDSYEAGTSPQTTLHIQVPPCQIGIFVDYEAGVVSFYNITDHGSLIYTFSECVFA
GPLRPFFNVGFNYSGGNAAPLKLCPLKM
;
_entity_poly.pdbx_strand_id   B
#
loop_
_chem_comp.id
_chem_comp.type
_chem_comp.name
_chem_comp.formula
A1AP3 non-polymer 1-[(5-ethyl-1,2,4-oxadiazol-3-yl)methyl]pyridin-2(1H)-one 'C10 H11 N3 O2'
EDO non-polymer 1,2-ETHANEDIOL 'C2 H6 O2'
EPE non-polymer '4-(2-HYDROXYETHYL)-1-PIPERAZINE ETHANESULFONIC ACID' 'C8 H18 N2 O4 S'
SO4 non-polymer 'SULFATE ION' 'O4 S -2'
#
# COMPACT_ATOMS: atom_id res chain seq x y z
N HIS A 2 -2.62 15.17 -13.21
CA HIS A 2 -3.92 14.60 -12.77
C HIS A 2 -4.72 15.65 -11.98
N HIS A 3 -6.03 15.43 -11.84
CA HIS A 3 -6.99 16.33 -11.14
C HIS A 3 -7.94 15.48 -10.25
N HIS A 4 -7.36 14.49 -9.54
CA HIS A 4 -8.05 13.44 -8.72
C HIS A 4 -8.15 13.86 -7.26
N HIS A 5 -7.42 14.92 -6.88
CA HIS A 5 -7.26 15.43 -5.49
C HIS A 5 -8.63 15.59 -4.80
N HIS A 6 -9.68 15.99 -5.52
CA HIS A 6 -11.05 16.24 -4.97
C HIS A 6 -11.79 14.93 -4.60
N HIS A 7 -11.27 13.75 -4.94
CA HIS A 7 -11.81 12.46 -4.43
C HIS A 7 -11.05 12.03 -3.19
N MET A 8 -10.37 12.97 -2.54
CA MET A 8 -9.53 12.66 -1.35
C MET A 8 -10.38 12.00 -0.26
N VAL A 9 -9.85 10.93 0.35
CA VAL A 9 -10.48 10.17 1.47
C VAL A 9 -9.48 10.16 2.65
N HIS A 10 -10.00 10.16 3.87
CA HIS A 10 -9.16 10.14 5.10
C HIS A 10 -8.95 8.67 5.48
N ILE A 11 -7.77 8.14 5.21
CA ILE A 11 -7.50 6.72 5.48
C ILE A 11 -6.90 6.60 6.89
N THR A 12 -7.28 5.55 7.59
CA THR A 12 -6.65 5.20 8.90
C THR A 12 -6.23 3.73 8.84
N LEU A 13 -5.23 3.36 9.62
CA LEU A 13 -4.72 1.98 9.63
C LEU A 13 -5.51 1.12 10.62
N ASP A 14 -5.70 -0.13 10.29
CA ASP A 14 -6.45 -1.10 11.11
C ASP A 14 -5.40 -1.95 11.86
N ARG A 15 -5.16 -1.61 13.14
N ARG A 15 -5.16 -1.65 13.14
CA ARG A 15 -4.27 -2.31 14.11
CA ARG A 15 -4.16 -2.34 14.00
C ARG A 15 -4.43 -3.82 14.05
C ARG A 15 -4.41 -3.85 14.05
N ASN A 16 -5.67 -4.30 13.94
CA ASN A 16 -5.99 -5.73 14.05
C ASN A 16 -5.45 -6.52 12.86
N THR A 17 -5.20 -5.86 11.71
CA THR A 17 -4.66 -6.52 10.51
C THR A 17 -3.13 -6.47 10.50
N ALA A 18 -2.50 -5.73 11.39
CA ALA A 18 -1.05 -5.48 11.28
C ALA A 18 -0.25 -6.74 11.67
N ASN A 19 0.84 -6.99 10.97
CA ASN A 19 1.91 -7.87 11.46
C ASN A 19 2.28 -7.42 12.90
N SER A 20 2.58 -8.39 13.72
CA SER A 20 2.75 -8.16 15.18
C SER A 20 4.01 -7.38 15.48
N TRP A 21 4.91 -7.09 14.52
CA TRP A 21 6.12 -6.27 14.70
C TRP A 21 5.88 -4.81 14.36
N LEU A 22 4.68 -4.46 13.84
CA LEU A 22 4.42 -3.07 13.43
C LEU A 22 3.98 -2.22 14.62
N ILE A 23 4.37 -0.96 14.54
CA ILE A 23 3.96 0.11 15.48
C ILE A 23 3.16 1.16 14.71
N ILE A 24 1.88 1.24 15.03
CA ILE A 24 0.94 2.21 14.42
C ILE A 24 0.76 3.35 15.41
N SER A 25 0.87 4.57 14.92
CA SER A 25 0.78 5.79 15.73
C SER A 25 -0.64 5.92 16.31
N LYS A 26 -0.77 6.69 17.39
CA LYS A 26 -2.05 6.94 18.10
C LYS A 26 -3.14 7.41 17.12
N ASP A 27 -2.78 8.28 16.17
CA ASP A 27 -3.76 8.84 15.20
C ASP A 27 -4.08 7.82 14.09
N ARG A 28 -3.40 6.69 14.06
CA ARG A 28 -3.64 5.61 13.07
C ARG A 28 -3.28 6.11 11.66
N ARG A 29 -2.36 7.05 11.53
CA ARG A 29 -1.94 7.58 10.21
C ARG A 29 -0.49 7.24 9.87
N GLN A 30 0.29 6.66 10.78
CA GLN A 30 1.72 6.32 10.54
C GLN A 30 1.99 4.90 11.00
N VAL A 31 2.89 4.21 10.32
CA VAL A 31 3.27 2.82 10.69
C VAL A 31 4.76 2.64 10.44
N ARG A 32 5.43 1.97 11.35
CA ARG A 32 6.84 1.63 11.16
C ARG A 32 7.11 0.24 11.73
N MET A 33 8.25 -0.29 11.30
CA MET A 33 8.82 -1.55 11.80
C MET A 33 9.32 -1.36 13.23
N GLY A 34 8.89 -2.23 14.14
CA GLY A 34 9.50 -2.24 15.48
C GLY A 34 10.73 -3.13 15.52
N ASP A 35 11.50 -3.07 16.60
CA ASP A 35 12.77 -3.86 16.65
C ASP A 35 12.47 -5.23 17.30
N THR A 36 11.21 -5.51 17.63
CA THR A 36 10.77 -6.80 18.25
C THR A 36 9.27 -7.00 18.03
N HIS A 37 8.72 -8.13 18.47
CA HIS A 37 7.25 -8.36 18.63
C HIS A 37 6.65 -7.26 19.50
N GLN A 38 5.51 -6.68 19.10
CA GLN A 38 4.90 -5.53 19.80
C GLN A 38 3.86 -5.91 20.88
N ASN A 39 3.90 -7.11 21.38
CA ASN A 39 3.18 -7.52 22.64
C ASN A 39 1.67 -7.49 22.44
N VAL A 40 1.21 -7.88 21.25
CA VAL A 40 -0.21 -8.02 20.88
C VAL A 40 -0.55 -9.52 20.75
N SER A 41 -1.82 -9.87 20.95
CA SER A 41 -2.36 -11.22 20.66
C SER A 41 -2.39 -11.50 19.16
N ASP A 42 -2.24 -12.76 18.78
CA ASP A 42 -2.39 -13.19 17.37
C ASP A 42 -3.88 -13.28 17.08
N ASN A 43 -4.21 -13.14 15.79
CA ASN A 43 -5.60 -13.25 15.31
C ASN A 43 -5.55 -13.65 13.82
N LYS A 44 -6.68 -14.05 13.27
CA LYS A 44 -6.71 -14.62 11.90
C LYS A 44 -6.51 -13.50 10.86
N GLU A 45 -6.69 -12.24 11.25
CA GLU A 45 -6.54 -11.09 10.30
C GLU A 45 -5.05 -10.76 10.07
N ARG A 46 -4.17 -10.99 11.03
CA ARG A 46 -2.81 -10.42 10.93
C ARG A 46 -1.98 -11.02 9.81
N PHE A 47 -1.30 -10.22 9.02
CA PHE A 47 -0.32 -10.72 8.05
C PHE A 47 0.82 -11.37 8.86
N SER A 48 1.13 -12.62 8.62
CA SER A 48 2.14 -13.32 9.46
C SER A 48 3.54 -13.21 8.89
N ASN A 49 3.74 -13.25 7.59
CA ASN A 49 5.08 -13.45 6.99
C ASN A 49 5.79 -12.14 6.63
N TYR A 50 5.02 -11.04 6.55
CA TYR A 50 5.58 -9.82 5.99
C TYR A 50 5.08 -8.64 6.82
N PRO A 51 5.78 -7.50 6.82
CA PRO A 51 5.40 -6.34 7.63
C PRO A 51 4.28 -5.47 7.02
N MET A 52 3.12 -6.11 6.83
CA MET A 52 1.95 -5.55 6.11
C MET A 52 0.81 -5.18 7.06
N VAL A 53 0.01 -4.21 6.63
CA VAL A 53 -1.20 -3.75 7.37
C VAL A 53 -2.20 -3.23 6.35
N LEU A 54 -3.49 -3.27 6.67
CA LEU A 54 -4.58 -2.70 5.84
C LEU A 54 -5.11 -1.42 6.42
N GLY A 55 -5.63 -0.56 5.54
CA GLY A 55 -6.50 0.53 5.99
C GLY A 55 -7.81 -0.04 6.55
N ALA A 56 -8.44 0.74 7.39
CA ALA A 56 -9.74 0.37 8.01
C ALA A 56 -10.85 0.48 6.98
N GLN A 57 -10.73 1.42 6.04
CA GLN A 57 -11.83 1.75 5.10
C GLN A 57 -11.98 0.59 4.10
N ARG A 58 -13.23 0.24 3.76
CA ARG A 58 -13.58 -0.68 2.67
C ARG A 58 -14.28 0.10 1.56
N PHE A 59 -13.90 -0.13 0.31
CA PHE A 59 -14.48 0.62 -0.85
C PHE A 59 -15.10 -0.40 -1.80
N SER A 60 -16.36 -0.20 -2.19
N SER A 60 -16.36 -0.21 -2.18
CA SER A 60 -17.06 -1.10 -3.14
CA SER A 60 -17.09 -1.09 -3.14
C SER A 60 -17.64 -0.31 -4.32
C SER A 60 -17.73 -0.27 -4.25
N SER A 61 -17.51 1.01 -4.32
N SER A 61 -17.38 1.01 -4.38
CA SER A 61 -18.01 1.91 -5.39
CA SER A 61 -17.99 1.92 -5.38
C SER A 61 -17.21 3.21 -5.40
C SER A 61 -17.28 3.27 -5.37
N GLY A 62 -17.33 3.99 -6.48
CA GLY A 62 -16.87 5.38 -6.51
C GLY A 62 -15.39 5.55 -6.82
N LYS A 63 -14.96 6.79 -6.63
CA LYS A 63 -13.60 7.22 -6.89
C LYS A 63 -12.99 7.66 -5.55
N MET A 64 -11.76 7.23 -5.31
CA MET A 64 -11.05 7.47 -4.03
C MET A 64 -9.60 7.83 -4.32
N TYR A 65 -9.02 8.70 -3.50
CA TYR A 65 -7.64 9.19 -3.70
C TYR A 65 -7.02 9.38 -2.33
N TRP A 66 -5.80 8.91 -2.15
CA TRP A 66 -5.02 9.25 -0.93
C TRP A 66 -3.52 9.30 -1.27
N GLU A 67 -2.73 9.86 -0.33
CA GLU A 67 -1.27 10.05 -0.53
C GLU A 67 -0.49 9.47 0.64
N VAL A 68 0.65 8.88 0.30
CA VAL A 68 1.51 8.22 1.30
C VAL A 68 2.94 8.77 1.18
N ASP A 69 3.56 9.08 2.32
CA ASP A 69 4.96 9.55 2.45
C ASP A 69 5.86 8.33 2.59
N VAL A 70 6.85 8.22 1.72
CA VAL A 70 7.83 7.12 1.70
C VAL A 70 9.28 7.63 1.91
N THR A 71 9.42 8.86 2.37
CA THR A 71 10.73 9.53 2.50
C THR A 71 11.73 8.60 3.21
N GLN A 72 12.91 8.51 2.60
CA GLN A 72 14.14 7.80 3.05
C GLN A 72 13.93 6.30 3.25
N LYS A 73 12.87 5.69 2.75
CA LYS A 73 12.80 4.21 2.81
C LYS A 73 13.51 3.54 1.64
N GLU A 74 14.05 2.36 1.88
CA GLU A 74 14.75 1.51 0.89
C GLU A 74 13.79 0.51 0.23
N ALA A 75 12.71 0.16 0.93
CA ALA A 75 11.82 -0.91 0.47
C ALA A 75 10.41 -0.68 1.02
N TRP A 76 9.40 -0.94 0.22
CA TRP A 76 7.97 -0.80 0.63
C TRP A 76 7.11 -1.33 -0.52
N ASP A 77 5.87 -1.69 -0.18
CA ASP A 77 4.80 -1.98 -1.17
C ASP A 77 3.62 -1.04 -0.85
N LEU A 78 2.88 -0.54 -1.84
CA LEU A 78 1.67 0.31 -1.63
C LEU A 78 0.64 -0.08 -2.68
N GLY A 79 -0.63 0.03 -2.30
CA GLY A 79 -1.72 0.01 -3.29
C GLY A 79 -3.03 -0.31 -2.59
N VAL A 80 -3.80 -1.21 -3.20
N VAL A 80 -3.76 -1.27 -3.14
CA VAL A 80 -5.08 -1.74 -2.65
CA VAL A 80 -5.10 -1.65 -2.62
C VAL A 80 -5.09 -3.26 -2.77
C VAL A 80 -5.23 -3.17 -2.86
N CYS A 81 -5.99 -3.88 -2.02
CA CYS A 81 -6.19 -5.31 -2.15
C CYS A 81 -7.64 -5.66 -1.81
N ARG A 82 -8.04 -6.85 -2.23
N ARG A 82 -8.04 -6.85 -2.23
CA ARG A 82 -9.35 -7.42 -1.82
CA ARG A 82 -9.37 -7.41 -1.87
C ARG A 82 -9.38 -7.55 -0.30
C ARG A 82 -9.41 -7.66 -0.35
N ASP A 83 -10.56 -7.40 0.28
CA ASP A 83 -10.72 -7.63 1.73
C ASP A 83 -10.41 -9.10 2.04
N SER A 84 -10.55 -10.04 1.10
CA SER A 84 -10.42 -11.49 1.34
C SER A 84 -9.01 -12.03 1.06
N VAL A 85 -8.00 -11.17 0.83
CA VAL A 85 -6.66 -11.71 0.51
C VAL A 85 -6.16 -12.62 1.65
N GLN A 86 -5.36 -13.58 1.26
CA GLN A 86 -4.60 -14.48 2.18
C GLN A 86 -3.79 -13.64 3.17
N ARG A 87 -3.78 -14.04 4.44
CA ARG A 87 -3.04 -13.33 5.52
C ARG A 87 -1.83 -14.17 5.97
N LYS A 88 -1.89 -15.50 5.90
CA LYS A 88 -0.91 -16.40 6.56
C LYS A 88 -0.05 -17.06 5.51
N GLY A 89 1.22 -17.24 5.78
CA GLY A 89 2.12 -17.91 4.86
C GLY A 89 2.62 -17.05 3.73
N GLN A 90 3.23 -17.70 2.73
CA GLN A 90 3.95 -17.02 1.64
C GLN A 90 2.99 -16.83 0.47
N PHE A 91 3.07 -15.68 -0.18
CA PHE A 91 2.27 -15.39 -1.40
C PHE A 91 2.94 -14.27 -2.18
N SER A 92 2.63 -14.18 -3.47
N SER A 92 2.61 -14.19 -3.46
CA SER A 92 3.12 -13.08 -4.33
CA SER A 92 3.06 -13.13 -4.39
C SER A 92 2.06 -11.99 -4.45
C SER A 92 2.04 -11.99 -4.42
N LEU A 93 2.50 -10.76 -4.61
CA LEU A 93 1.61 -9.61 -4.86
C LEU A 93 1.26 -9.60 -6.34
N SER A 94 0.03 -9.98 -6.70
CA SER A 94 -0.41 -10.05 -8.10
C SER A 94 -1.90 -9.80 -8.12
N PRO A 95 -2.45 -9.34 -9.24
CA PRO A 95 -3.90 -9.24 -9.36
C PRO A 95 -4.60 -10.59 -9.19
N GLU A 96 -3.96 -11.67 -9.63
CA GLU A 96 -4.57 -13.03 -9.47
C GLU A 96 -4.76 -13.32 -7.98
N ASN A 97 -3.88 -12.84 -7.10
CA ASN A 97 -4.03 -13.07 -5.64
C ASN A 97 -4.80 -11.93 -4.98
N GLY A 98 -5.32 -10.94 -5.71
CA GLY A 98 -6.15 -9.89 -5.09
C GLY A 98 -5.40 -8.63 -4.66
N PHE A 99 -4.26 -8.32 -5.32
CA PHE A 99 -3.45 -7.12 -4.99
C PHE A 99 -3.19 -6.27 -6.23
N TRP A 100 -3.32 -4.95 -6.10
CA TRP A 100 -2.97 -3.96 -7.14
C TRP A 100 -1.98 -2.98 -6.50
N THR A 101 -0.69 -3.23 -6.74
CA THR A 101 0.38 -2.61 -5.94
C THR A 101 1.57 -2.21 -6.83
N ILE A 102 2.35 -1.28 -6.29
CA ILE A 102 3.73 -0.99 -6.80
C ILE A 102 4.67 -1.14 -5.59
N TRP A 103 5.96 -1.19 -5.90
CA TRP A 103 6.96 -1.30 -4.81
C TRP A 103 8.29 -0.72 -5.21
N LEU A 104 9.08 -0.46 -4.15
CA LEU A 104 10.51 -0.17 -4.25
C LEU A 104 11.26 -1.34 -3.66
N TRP A 105 12.32 -1.81 -4.35
CA TRP A 105 13.16 -2.92 -3.89
C TRP A 105 14.51 -2.81 -4.55
N GLN A 106 15.59 -2.75 -3.76
CA GLN A 106 16.97 -2.75 -4.33
C GLN A 106 17.10 -1.74 -5.43
N ASP A 107 16.71 -0.51 -5.15
CA ASP A 107 16.97 0.63 -6.05
C ASP A 107 16.17 0.51 -7.36
N SER A 108 15.17 -0.36 -7.47
CA SER A 108 14.27 -0.34 -8.64
C SER A 108 12.80 -0.25 -8.19
N TYR A 109 12.00 0.41 -9.00
CA TYR A 109 10.53 0.49 -8.78
C TYR A 109 9.86 -0.45 -9.76
N GLU A 110 8.88 -1.23 -9.28
N GLU A 110 8.92 -1.27 -9.26
CA GLU A 110 8.19 -2.25 -10.12
CA GLU A 110 8.18 -2.28 -10.05
C GLU A 110 6.69 -2.30 -9.76
C GLU A 110 6.67 -2.15 -9.79
N ALA A 111 5.86 -2.54 -10.77
CA ALA A 111 4.43 -2.80 -10.56
C ALA A 111 4.23 -4.29 -10.30
N GLY A 112 3.33 -4.61 -9.35
CA GLY A 112 3.02 -5.99 -8.94
C GLY A 112 2.12 -6.71 -9.92
N THR A 113 2.49 -6.76 -11.19
CA THR A 113 1.90 -7.70 -12.16
C THR A 113 2.60 -9.07 -12.02
N SER A 114 2.13 -10.09 -12.70
CA SER A 114 2.78 -11.42 -12.71
C SER A 114 3.18 -11.79 -14.14
N PRO A 115 4.46 -11.74 -14.51
CA PRO A 115 5.54 -11.28 -13.65
C PRO A 115 5.57 -9.76 -13.54
N GLN A 116 6.42 -9.23 -12.67
CA GLN A 116 6.44 -7.80 -12.31
C GLN A 116 6.91 -6.95 -13.50
N THR A 117 6.47 -5.70 -13.53
CA THR A 117 6.74 -4.73 -14.61
C THR A 117 7.70 -3.67 -14.08
N THR A 118 8.77 -3.37 -14.85
CA THR A 118 9.67 -2.25 -14.59
C THR A 118 8.98 -0.90 -14.71
N LEU A 119 9.15 -0.02 -13.72
CA LEU A 119 8.63 1.35 -13.71
C LEU A 119 9.79 2.27 -14.11
N HIS A 120 9.51 3.34 -14.81
CA HIS A 120 10.54 4.28 -15.32
C HIS A 120 10.38 5.58 -14.54
N ILE A 121 11.06 5.71 -13.42
CA ILE A 121 10.89 6.90 -12.54
C ILE A 121 12.19 7.74 -12.63
N GLN A 122 12.12 8.98 -13.07
CA GLN A 122 13.33 9.83 -13.20
C GLN A 122 13.58 10.55 -11.86
N VAL A 123 12.53 10.84 -11.11
CA VAL A 123 12.61 11.59 -9.82
C VAL A 123 12.15 10.67 -8.69
N PRO A 124 13.06 10.07 -7.89
CA PRO A 124 12.64 9.14 -6.84
C PRO A 124 11.56 9.80 -6.00
N PRO A 125 10.35 9.21 -5.83
CA PRO A 125 9.29 9.87 -5.08
C PRO A 125 9.47 9.88 -3.56
N CYS A 126 9.11 10.99 -2.94
CA CYS A 126 9.00 11.10 -1.47
C CYS A 126 7.54 10.90 -1.06
N GLN A 127 6.58 11.19 -1.95
N GLN A 127 6.62 11.10 -2.01
CA GLN A 127 5.14 10.93 -1.67
CA GLN A 127 5.17 10.99 -1.77
C GLN A 127 4.46 10.40 -2.93
C GLN A 127 4.54 10.31 -2.99
N ILE A 128 3.59 9.40 -2.73
CA ILE A 128 2.92 8.61 -3.79
C ILE A 128 1.43 8.92 -3.65
N GLY A 129 0.75 9.25 -4.74
CA GLY A 129 -0.71 9.34 -4.79
C GLY A 129 -1.31 8.08 -5.40
N ILE A 130 -2.37 7.58 -4.75
CA ILE A 130 -3.10 6.35 -5.18
C ILE A 130 -4.55 6.73 -5.49
N PHE A 131 -4.95 6.44 -6.71
CA PHE A 131 -6.31 6.71 -7.23
C PHE A 131 -6.97 5.38 -7.59
N VAL A 132 -8.19 5.17 -7.07
CA VAL A 132 -9.03 4.00 -7.41
C VAL A 132 -10.37 4.46 -7.98
N ASP A 133 -10.69 3.97 -9.17
CA ASP A 133 -12.06 4.12 -9.76
C ASP A 133 -12.68 2.74 -9.80
N TYR A 134 -13.58 2.47 -8.83
CA TYR A 134 -14.12 1.10 -8.67
C TYR A 134 -14.90 0.65 -9.92
N GLU A 135 -15.80 1.50 -10.38
CA GLU A 135 -16.65 1.17 -11.54
C GLU A 135 -15.81 0.98 -12.80
N ALA A 136 -14.82 1.83 -13.03
CA ALA A 136 -13.97 1.74 -14.23
C ALA A 136 -12.99 0.57 -14.17
N GLY A 137 -12.71 0.00 -12.99
CA GLY A 137 -11.69 -1.03 -12.84
C GLY A 137 -10.28 -0.46 -13.03
N VAL A 138 -9.97 0.64 -12.37
CA VAL A 138 -8.66 1.36 -12.54
C VAL A 138 -8.04 1.55 -11.15
N VAL A 139 -6.73 1.32 -11.09
CA VAL A 139 -5.87 1.76 -9.96
C VAL A 139 -4.64 2.49 -10.56
N SER A 140 -4.47 3.74 -10.23
CA SER A 140 -3.34 4.55 -10.76
C SER A 140 -2.48 5.08 -9.62
N PHE A 141 -1.20 5.26 -9.92
CA PHE A 141 -0.15 5.71 -8.99
C PHE A 141 0.47 6.97 -9.59
N TYR A 142 0.72 7.95 -8.74
CA TYR A 142 1.20 9.30 -9.16
C TYR A 142 2.40 9.69 -8.29
N ASN A 143 3.38 10.35 -8.91
CA ASN A 143 4.62 10.83 -8.22
C ASN A 143 4.40 12.26 -7.75
N ILE A 144 4.09 12.47 -6.48
CA ILE A 144 3.68 13.82 -5.99
C ILE A 144 4.95 14.70 -6.02
N THR A 145 6.12 14.12 -5.80
CA THR A 145 7.43 14.87 -5.79
C THR A 145 7.68 15.46 -7.17
N ASP A 146 7.28 14.77 -8.24
CA ASP A 146 7.43 15.19 -9.64
C ASP A 146 6.12 15.75 -10.21
N HIS A 147 5.47 16.67 -9.51
CA HIS A 147 4.32 17.47 -10.03
C HIS A 147 3.18 16.50 -10.40
N GLY A 148 3.12 15.32 -9.77
CA GLY A 148 1.95 14.44 -9.96
C GLY A 148 2.07 13.54 -11.19
N SER A 149 3.26 13.34 -11.74
CA SER A 149 3.47 12.56 -12.99
C SER A 149 2.96 11.13 -12.80
N LEU A 150 2.37 10.55 -13.84
CA LEU A 150 1.91 9.14 -13.74
C LEU A 150 3.08 8.19 -13.56
N ILE A 151 2.93 7.24 -12.62
CA ILE A 151 3.85 6.11 -12.44
C ILE A 151 3.34 4.86 -13.15
N TYR A 152 2.07 4.52 -12.87
CA TYR A 152 1.54 3.24 -13.37
C TYR A 152 0.01 3.24 -13.27
N THR A 153 -0.65 2.67 -14.28
CA THR A 153 -2.12 2.41 -14.28
C THR A 153 -2.38 0.93 -14.51
N PHE A 154 -3.04 0.30 -13.51
CA PHE A 154 -3.71 -1.00 -13.69
C PHE A 154 -5.12 -0.74 -14.24
N SER A 155 -5.40 -1.25 -15.44
CA SER A 155 -6.74 -1.11 -16.03
C SER A 155 -7.33 -2.51 -16.24
N GLU A 156 -8.64 -2.55 -16.52
CA GLU A 156 -9.38 -3.84 -16.66
C GLU A 156 -9.27 -4.66 -15.37
N CYS A 157 -9.24 -3.98 -14.21
CA CYS A 157 -9.05 -4.69 -12.93
C CYS A 157 -10.32 -5.50 -12.64
N VAL A 158 -10.15 -6.69 -12.09
CA VAL A 158 -11.31 -7.52 -11.66
C VAL A 158 -11.25 -7.57 -10.15
N PHE A 159 -11.79 -6.56 -9.47
CA PHE A 159 -11.65 -6.41 -8.00
C PHE A 159 -12.31 -7.60 -7.29
N ALA A 160 -13.51 -7.97 -7.72
CA ALA A 160 -14.19 -9.19 -7.22
C ALA A 160 -14.46 -9.15 -5.72
N GLY A 161 -14.60 -7.98 -5.16
CA GLY A 161 -14.91 -7.78 -3.72
C GLY A 161 -14.65 -6.37 -3.27
N PRO A 162 -14.92 -6.08 -2.00
CA PRO A 162 -14.56 -4.80 -1.41
C PRO A 162 -13.03 -4.66 -1.40
N LEU A 163 -12.58 -3.43 -1.60
CA LEU A 163 -11.12 -3.09 -1.57
C LEU A 163 -10.73 -2.44 -0.25
N ARG A 164 -9.49 -2.71 0.19
CA ARG A 164 -8.87 -2.01 1.33
C ARG A 164 -7.54 -1.40 0.90
N PRO A 165 -7.19 -0.23 1.47
CA PRO A 165 -5.83 0.31 1.27
C PRO A 165 -4.83 -0.71 1.83
N PHE A 166 -3.71 -0.88 1.14
CA PHE A 166 -2.71 -1.91 1.45
C PHE A 166 -1.33 -1.26 1.61
N PHE A 167 -0.56 -1.71 2.63
CA PHE A 167 0.74 -1.11 2.99
C PHE A 167 1.71 -2.23 3.34
N ASN A 168 2.96 -2.08 2.96
CA ASN A 168 4.06 -2.93 3.48
C ASN A 168 5.23 -1.99 3.77
N VAL A 169 5.64 -1.90 5.05
CA VAL A 169 6.78 -1.01 5.45
C VAL A 169 8.13 -1.64 5.02
N GLY A 170 8.09 -2.92 4.68
CA GLY A 170 9.32 -3.68 4.35
C GLY A 170 10.15 -4.06 5.55
N PHE A 171 11.01 -5.06 5.36
CA PHE A 171 11.94 -5.49 6.43
C PHE A 171 13.01 -4.44 6.59
N ASN A 172 13.78 -4.59 7.66
CA ASN A 172 14.89 -3.66 7.93
C ASN A 172 16.10 -4.53 8.32
N TYR A 173 16.49 -5.42 7.43
CA TYR A 173 17.76 -6.16 7.61
C TYR A 173 18.97 -5.23 7.54
N SER A 174 18.92 -4.18 6.72
CA SER A 174 20.06 -3.32 6.36
C SER A 174 20.30 -2.25 7.45
N GLY A 175 19.31 -1.97 8.30
CA GLY A 175 19.38 -0.79 9.18
C GLY A 175 19.12 0.52 8.43
N GLY A 176 18.81 0.48 7.13
CA GLY A 176 18.52 1.70 6.39
C GLY A 176 17.02 1.86 6.03
N ASN A 177 16.17 0.97 6.52
CA ASN A 177 14.75 1.00 6.17
C ASN A 177 13.82 1.18 7.38
N ALA A 178 14.25 1.84 8.46
CA ALA A 178 13.39 1.99 9.67
C ALA A 178 12.28 3.04 9.50
N ALA A 179 12.42 3.95 8.55
CA ALA A 179 11.49 5.10 8.45
C ALA A 179 10.07 4.60 8.26
N PRO A 180 9.08 5.36 8.78
CA PRO A 180 7.68 4.98 8.63
C PRO A 180 7.06 5.29 7.25
N LEU A 181 5.96 4.61 6.94
CA LEU A 181 4.97 5.09 5.97
C LEU A 181 4.03 6.05 6.71
N LYS A 182 3.70 7.18 6.11
CA LYS A 182 2.77 8.16 6.72
C LYS A 182 1.67 8.51 5.75
N LEU A 183 0.43 8.47 6.20
CA LEU A 183 -0.67 9.01 5.37
C LEU A 183 -0.63 10.53 5.44
N CYS A 184 -0.54 11.18 4.28
CA CYS A 184 -0.37 12.66 4.18
C CYS A 184 -1.69 13.37 4.34
N PRO A 185 -1.69 14.56 4.96
CA PRO A 185 -2.90 15.34 5.13
C PRO A 185 -3.44 15.78 3.76
N LEU A 186 -4.76 15.82 3.69
CA LEU A 186 -5.67 16.40 2.66
C LEU A 186 -5.55 17.93 2.63
N1 A1AP3 B . 13.13 -7.86 11.10
C4 A1AP3 B . 11.77 -7.43 11.45
C5 A1AP3 B . 13.77 -8.76 11.90
C6 A1AP3 B . 15.01 -9.19 11.63
C7 A1AP3 B . 15.68 -8.70 10.50
C8 A1AP3 B . 15.06 -7.80 9.69
N A1AP3 B . 10.43 -9.62 11.19
C A1AP3 B . 7.39 -11.09 9.59
O A1AP3 B . 13.13 -6.51 9.26
C1 A1AP3 B . 8.63 -11.22 10.45
C2 A1AP3 B . 9.35 -9.93 10.56
C3 A1AP3 B . 10.67 -8.30 10.94
C9 A1AP3 B . 13.75 -7.33 9.96
N2 A1AP3 B . 9.76 -7.83 10.16
O1 A1AP3 B . 8.87 -8.89 9.88
C1 EDO C . 6.59 -22.97 6.96
O1 EDO C . 5.97 -21.73 7.24
C2 EDO C . 7.88 -22.75 6.31
O2 EDO C . 8.66 -21.99 7.18
S SO4 D . 1.88 -17.47 -5.27
O1 SO4 D . 1.21 -16.75 -4.23
O2 SO4 D . 1.69 -18.87 -5.07
O3 SO4 D . 1.34 -17.10 -6.55
O4 SO4 D . 3.29 -17.16 -5.27
N1 EPE E . 7.91 -8.26 -2.81
C2 EPE E . 8.21 -7.02 -3.55
C3 EPE E . 9.03 -6.05 -2.72
N4 EPE E . 8.36 -5.73 -1.45
C5 EPE E . 8.11 -6.98 -0.72
C6 EPE E . 7.24 -7.90 -1.54
C7 EPE E . 9.16 -4.81 -0.65
C8 EPE E . 8.71 -4.65 0.79
O8 EPE E . 9.04 -5.75 1.62
C9 EPE E . 7.02 -9.12 -3.61
C10 EPE E . 7.71 -10.38 -4.13
S EPE E . 6.61 -11.31 -5.17
O1S EPE E . 7.28 -11.43 -6.44
O2S EPE E . 5.35 -10.61 -5.14
O3S EPE E . 6.53 -12.66 -4.39
#